data_5VLI
#
_entry.id   5VLI
#
_cell.length_a   110.649
_cell.length_b   110.649
_cell.length_c   327.378
_cell.angle_alpha   90.00
_cell.angle_beta   90.00
_cell.angle_gamma   120.00
#
_symmetry.space_group_name_H-M   'H 3 2'
#
loop_
_entity.id
_entity.type
_entity.pdbx_description
1 polymer Hemagglutinin
2 polymer Hemagglutinin
3 polymer 'Computationally designed peptide HB1.6928.2.3'
4 branched 2-acetamido-2-deoxy-beta-D-glucopyranose-(1-4)-2-acetamido-2-deoxy-beta-D-glucopyranose
5 branched beta-D-mannopyranose-(1-4)-2-acetamido-2-deoxy-beta-D-glucopyranose-(1-4)-2-acetamido-2-deoxy-beta-D-glucopyranose
6 non-polymer 2-acetamido-2-deoxy-beta-D-glucopyranose
7 non-polymer 2,5,8,11-TETRAOXATRIDECANE
8 non-polymer DI(HYDROXYETHYL)ETHER
9 water water
#
loop_
_entity_poly.entity_id
_entity_poly.type
_entity_poly.pdbx_seq_one_letter_code
_entity_poly.pdbx_strand_id
1 'polypeptide(L)'
;ADTICIGYHANNSTDTVDTVLEKNVTVTHSVNLLEDSHNGKLCRLKGIAPLQLGKCNIAGWLLGNPECDPLLPVRSWSYI
VETPNSENGICYPGDFIDYEELREQLSSVSSFERFEIFPKESSWPNHNTNGVTAACSHEGKSSFYRNLLWLTEKEGSYPK
LKNSYVNKKGKEVLVLWGIHHPPNSKEQQNLYQNENAYVSVVTSNYNRRFTPEIAERPKVRDQAGRMNYYWTLLKPGDTI
IFEANGNLIAPMYAFALSRGFGSGIITSNASMHECNTKCQTPLGAINSSLPYQNIHPVTIGECPKYVRSAKLRMVTGLRN
IPSIQSR
;
A
2 'polypeptide(L)'
;GLFGAIAGFIEGGWTGMIDGWYGYHHQNEQGSGYAADQKSTQNAINGITNKVNTVIEKMNIQFTAVGKEFNKLEKRMENL
NKKVDDGFLDIWTYNAELLVLLENERTLDFHDSNVKNLYEKVKSQLKNNAKEIGNGCFEFYHKCDNECMESVRNGTYDYP
KYSEESKLNREKVDGV
;
B
3 'polypeptide(L)' CIEQSFTTLFACQTAAEIWRAFGYTVKIMVDNGNCRLHVC C
#
loop_
_chem_comp.id
_chem_comp.type
_chem_comp.name
_chem_comp.formula
BMA D-saccharide, beta linking beta-D-mannopyranose 'C6 H12 O6'
NAG D-saccharide, beta linking 2-acetamido-2-deoxy-beta-D-glucopyranose 'C8 H15 N O6'
PEG non-polymer DI(HYDROXYETHYL)ETHER 'C4 H10 O3'
PGF non-polymer 2,5,8,11-TETRAOXATRIDECANE 'C9 H20 O4'
#
# COMPACT_ATOMS: atom_id res chain seq x y z
N ALA A 1 -50.94 25.95 -25.03
CA ALA A 1 -50.83 26.36 -23.63
C ALA A 1 -49.42 26.11 -23.03
N ASP A 2 -49.05 26.94 -22.05
CA ASP A 2 -47.69 26.92 -21.51
C ASP A 2 -47.42 25.61 -20.77
N THR A 3 -46.14 25.20 -20.70
CA THR A 3 -45.86 23.94 -20.07
C THR A 3 -44.63 24.02 -19.16
N ILE A 4 -44.64 23.19 -18.17
CA ILE A 4 -43.38 22.91 -17.45
C ILE A 4 -43.24 21.43 -17.24
N CYS A 5 -41.99 20.93 -17.39
CA CYS A 5 -41.66 19.50 -17.30
C CYS A 5 -40.59 19.33 -16.23
N ILE A 6 -40.66 18.23 -15.54
CA ILE A 6 -39.64 17.88 -14.55
C ILE A 6 -38.78 16.82 -15.20
N GLY A 7 -37.45 16.89 -14.97
CA GLY A 7 -36.61 15.95 -15.68
C GLY A 7 -35.26 15.80 -14.99
N TYR A 8 -34.37 15.07 -15.66
CA TYR A 8 -33.06 14.74 -15.11
C TYR A 8 -31.97 14.85 -16.19
N HIS A 9 -30.75 15.09 -15.71
CA HIS A 9 -29.57 15.28 -16.54
C HIS A 9 -29.24 14.04 -17.41
N ALA A 10 -28.76 14.33 -18.62
CA ALA A 10 -28.08 13.30 -19.41
C ALA A 10 -26.83 13.94 -20.01
N ASN A 11 -25.83 13.13 -20.38
CA ASN A 11 -24.62 13.69 -21.01
C ASN A 11 -24.03 12.64 -21.97
N ASN A 12 -22.77 12.85 -22.37
CA ASN A 12 -22.16 11.95 -23.33
C ASN A 12 -21.32 10.86 -22.63
N SER A 13 -21.45 10.70 -21.32
CA SER A 13 -20.64 9.70 -20.62
C SER A 13 -20.98 8.30 -21.11
N THR A 14 -19.93 7.47 -21.29
CA THR A 14 -20.09 6.06 -21.61
C THR A 14 -19.64 5.16 -20.44
N ASP A 15 -19.30 5.73 -19.29
CA ASP A 15 -18.88 4.93 -18.14
C ASP A 15 -20.02 4.03 -17.69
N THR A 16 -19.67 2.82 -17.23
CA THR A 16 -20.71 1.92 -16.72
C THR A 16 -20.33 1.45 -15.33
N VAL A 17 -21.36 1.04 -14.59
CA VAL A 17 -21.22 0.44 -13.29
C VAL A 17 -22.12 -0.78 -13.23
N ASP A 18 -21.91 -1.64 -12.21
CA ASP A 18 -22.80 -2.74 -11.95
C ASP A 18 -23.53 -2.47 -10.65
N THR A 19 -24.73 -3.04 -10.56
CA THR A 19 -25.46 -3.11 -9.30
C THR A 19 -25.72 -4.58 -9.04
N VAL A 20 -26.48 -4.86 -7.98
CA VAL A 20 -26.89 -6.22 -7.73
C VAL A 20 -27.94 -6.67 -8.77
N LEU A 21 -28.91 -5.82 -9.07
CA LEU A 21 -29.97 -6.21 -10.01
C LEU A 21 -29.53 -6.16 -11.46
N GLU A 22 -28.52 -5.34 -11.80
CA GLU A 22 -28.30 -5.00 -13.21
C GLU A 22 -26.80 -4.87 -13.47
N LYS A 23 -26.30 -5.39 -14.58
CA LYS A 23 -24.90 -5.17 -14.96
C LYS A 23 -24.79 -4.10 -16.06
N ASN A 24 -23.62 -3.44 -16.09
N ASN A 24 -23.62 -3.43 -16.14
CA ASN A 24 -23.22 -2.53 -17.16
CA ASN A 24 -23.32 -2.58 -17.30
C ASN A 24 -24.30 -1.46 -17.41
C ASN A 24 -24.33 -1.42 -17.44
N VAL A 25 -24.62 -0.74 -16.34
CA VAL A 25 -25.50 0.43 -16.39
C VAL A 25 -24.67 1.65 -16.79
N THR A 26 -25.06 2.35 -17.87
CA THR A 26 -24.31 3.56 -18.24
C THR A 26 -24.80 4.72 -17.39
N VAL A 27 -23.87 5.51 -16.82
CA VAL A 27 -24.25 6.50 -15.83
C VAL A 27 -23.58 7.83 -16.13
N THR A 28 -24.18 8.90 -15.58
CA THR A 28 -23.74 10.25 -15.97
C THR A 28 -22.43 10.65 -15.31
N HIS A 29 -22.22 10.18 -14.08
CA HIS A 29 -21.01 10.48 -13.30
C HIS A 29 -20.63 9.28 -12.46
N SER A 30 -19.31 9.06 -12.31
CA SER A 30 -18.86 7.90 -11.52
C SER A 30 -17.38 8.09 -11.20
N VAL A 31 -16.87 7.21 -10.34
CA VAL A 31 -15.46 7.37 -9.93
C VAL A 31 -14.84 5.97 -9.80
N ASN A 32 -13.64 5.84 -10.32
CA ASN A 32 -12.89 4.58 -10.19
C ASN A 32 -12.26 4.52 -8.79
N LEU A 33 -12.45 3.40 -8.07
CA LEU A 33 -11.91 3.22 -6.72
C LEU A 33 -10.70 2.27 -6.76
N LEU A 34 -10.37 1.69 -7.90
CA LEU A 34 -9.37 0.61 -7.97
C LEU A 34 -8.17 1.12 -8.76
N GLU A 35 -7.04 1.31 -8.07
CA GLU A 35 -5.85 1.78 -8.76
C GLU A 35 -5.13 0.63 -9.48
N ASP A 36 -4.90 0.80 -10.78
CA ASP A 36 -4.22 -0.22 -11.55
C ASP A 36 -2.97 0.32 -12.23
N SER A 37 -2.58 1.55 -11.91
N SER A 37 -2.55 1.53 -11.89
CA SER A 37 -1.41 2.17 -12.55
CA SER A 37 -1.43 2.18 -12.54
C SER A 37 -0.29 2.28 -11.53
C SER A 37 -0.28 2.34 -11.55
N HIS A 38 0.94 2.00 -11.97
CA HIS A 38 2.14 2.23 -11.16
C HIS A 38 3.19 2.76 -12.13
N ASN A 39 4.28 3.36 -11.63
CA ASN A 39 5.19 4.08 -12.52
C ASN A 39 6.32 3.18 -13.04
N GLY A 40 6.34 1.90 -12.66
CA GLY A 40 7.33 0.93 -13.15
C GLY A 40 8.74 1.15 -12.65
N LYS A 41 8.89 1.88 -11.52
CA LYS A 41 10.21 2.25 -11.00
C LYS A 41 10.33 1.88 -9.52
N LEU A 42 11.56 1.63 -9.08
CA LEU A 42 11.88 1.64 -7.65
C LEU A 42 12.16 3.09 -7.29
N CYS A 43 11.59 3.58 -6.20
CA CYS A 43 11.76 4.97 -5.81
C CYS A 43 12.25 5.07 -4.37
N ARG A 44 12.69 6.28 -4.00
CA ARG A 44 12.91 6.62 -2.60
C ARG A 44 11.58 6.64 -1.86
N LEU A 45 11.63 6.43 -0.56
CA LEU A 45 10.40 6.51 0.24
C LEU A 45 10.59 7.61 1.24
N LYS A 46 9.74 8.64 1.18
CA LYS A 46 9.87 9.75 2.11
C LYS A 46 11.29 10.32 2.02
N GLY A 47 11.92 10.31 0.83
CA GLY A 47 13.26 10.86 0.64
C GLY A 47 14.42 9.87 0.69
N ILE A 48 14.24 8.68 1.25
CA ILE A 48 15.37 7.79 1.56
C ILE A 48 15.40 6.65 0.54
N ALA A 49 16.55 6.46 -0.09
CA ALA A 49 16.70 5.43 -1.11
C ALA A 49 16.73 4.03 -0.52
N PRO A 50 16.26 3.02 -1.25
CA PRO A 50 16.34 1.65 -0.75
C PRO A 50 17.76 1.12 -0.87
N LEU A 51 18.00 0.02 -0.17
CA LEU A 51 19.30 -0.65 -0.25
C LEU A 51 19.15 -1.69 -1.35
N GLN A 52 19.88 -1.54 -2.45
CA GLN A 52 19.83 -2.53 -3.54
C GLN A 52 20.96 -3.53 -3.35
N LEU A 53 20.61 -4.76 -2.97
CA LEU A 53 21.64 -5.78 -2.75
C LEU A 53 22.22 -6.32 -4.05
N GLY A 54 21.53 -6.16 -5.19
CA GLY A 54 22.14 -6.55 -6.47
C GLY A 54 22.42 -8.04 -6.53
N LYS A 55 23.65 -8.41 -6.90
CA LYS A 55 24.02 -9.84 -6.93
C LYS A 55 24.28 -10.45 -5.53
N CYS A 56 24.24 -9.67 -4.44
CA CYS A 56 24.40 -10.15 -3.08
C CYS A 56 23.03 -10.42 -2.44
N ASN A 57 23.01 -11.31 -1.45
CA ASN A 57 21.86 -11.48 -0.60
C ASN A 57 22.19 -10.98 0.81
N ILE A 58 21.20 -11.09 1.71
CA ILE A 58 21.35 -10.58 3.08
C ILE A 58 22.60 -11.18 3.74
N ALA A 59 22.78 -12.48 3.60
CA ALA A 59 23.93 -13.13 4.22
C ALA A 59 25.27 -12.58 3.70
N GLY A 60 25.36 -12.34 2.38
CA GLY A 60 26.60 -11.80 1.82
C GLY A 60 26.88 -10.40 2.32
N TRP A 61 25.82 -9.61 2.42
CA TRP A 61 25.86 -8.26 2.94
C TRP A 61 26.37 -8.23 4.38
N LEU A 62 25.73 -8.99 5.28
CA LEU A 62 26.04 -8.80 6.71
C LEU A 62 27.32 -9.53 7.13
N LEU A 63 27.68 -10.65 6.47
CA LEU A 63 28.98 -11.26 6.73
C LEU A 63 30.11 -10.43 6.12
N GLY A 64 29.82 -9.65 5.10
CA GLY A 64 30.90 -8.99 4.37
C GLY A 64 31.59 -9.89 3.36
N ASN A 65 30.83 -10.67 2.63
CA ASN A 65 31.39 -11.38 1.48
C ASN A 65 32.14 -10.37 0.61
N PRO A 66 33.43 -10.61 0.28
CA PRO A 66 34.17 -9.60 -0.49
C PRO A 66 33.50 -9.20 -1.79
N GLU A 67 32.69 -10.05 -2.42
CA GLU A 67 31.96 -9.61 -3.63
C GLU A 67 30.97 -8.50 -3.33
N CYS A 68 30.61 -8.32 -2.07
CA CYS A 68 29.60 -7.34 -1.68
C CYS A 68 30.18 -6.03 -1.21
N ASP A 69 31.52 -5.81 -1.35
CA ASP A 69 32.13 -4.59 -0.82
C ASP A 69 31.39 -3.28 -1.11
N PRO A 70 30.74 -3.07 -2.27
CA PRO A 70 30.06 -1.78 -2.46
C PRO A 70 29.01 -1.50 -1.41
N LEU A 71 28.52 -2.52 -0.73
CA LEU A 71 27.50 -2.31 0.29
C LEU A 71 28.07 -1.85 1.62
N LEU A 72 29.38 -2.02 1.84
CA LEU A 72 29.94 -1.82 3.17
C LEU A 72 29.66 -0.44 3.79
N PRO A 73 29.71 0.68 3.06
CA PRO A 73 29.47 1.99 3.69
C PRO A 73 28.01 2.39 3.84
N VAL A 74 27.05 1.61 3.38
CA VAL A 74 25.68 2.12 3.43
C VAL A 74 25.20 2.04 4.87
N ARG A 75 24.59 3.12 5.34
CA ARG A 75 24.18 3.22 6.73
C ARG A 75 22.68 3.28 6.92
N SER A 76 21.91 3.76 5.94
CA SER A 76 20.46 3.85 6.14
C SER A 76 19.77 3.55 4.82
N TRP A 77 18.53 3.12 4.94
CA TRP A 77 17.77 2.73 3.77
C TRP A 77 16.29 2.73 4.14
N SER A 78 15.43 2.81 3.13
CA SER A 78 13.99 2.82 3.37
C SER A 78 13.33 1.45 3.19
N TYR A 79 13.97 0.54 2.47
CA TYR A 79 13.56 -0.85 2.34
C TYR A 79 14.73 -1.55 1.65
N ILE A 80 14.68 -2.87 1.62
CA ILE A 80 15.79 -3.65 1.08
C ILE A 80 15.29 -4.40 -0.14
N VAL A 81 16.03 -4.30 -1.25
CA VAL A 81 15.65 -4.95 -2.49
C VAL A 81 16.63 -6.08 -2.80
N GLU A 82 16.11 -7.29 -2.83
CA GLU A 82 16.84 -8.38 -3.47
C GLU A 82 16.30 -8.60 -4.87
N THR A 83 17.13 -9.23 -5.69
CA THR A 83 16.69 -9.56 -7.04
C THR A 83 16.73 -11.06 -7.22
N PRO A 84 16.13 -11.59 -8.29
CA PRO A 84 16.30 -13.02 -8.57
C PRO A 84 17.76 -13.43 -8.73
N ASN A 85 18.70 -12.48 -8.90
CA ASN A 85 20.14 -12.78 -8.96
C ASN A 85 20.89 -12.59 -7.67
N SER A 86 20.19 -12.34 -6.57
CA SER A 86 20.84 -12.10 -5.26
C SER A 86 21.36 -13.42 -4.72
N GLU A 87 22.53 -13.83 -5.20
CA GLU A 87 23.09 -15.15 -4.95
C GLU A 87 24.37 -15.16 -4.13
N ASN A 88 25.13 -14.07 -4.09
CA ASN A 88 26.42 -14.08 -3.39
C ASN A 88 26.14 -13.92 -1.90
N GLY A 89 26.33 -15.00 -1.16
CA GLY A 89 25.95 -15.03 0.24
C GLY A 89 27.12 -15.59 1.03
N ILE A 90 26.97 -16.77 1.59
CA ILE A 90 28.15 -17.38 2.23
C ILE A 90 29.11 -17.84 1.15
N CYS A 91 30.42 -17.67 1.37
CA CYS A 91 31.32 -18.11 0.32
C CYS A 91 32.09 -19.33 0.76
N TYR A 92 32.29 -19.50 2.07
CA TYR A 92 32.92 -20.73 2.57
C TYR A 92 31.76 -21.61 3.04
N PRO A 93 31.61 -22.82 2.53
CA PRO A 93 30.30 -23.50 2.63
C PRO A 93 29.96 -23.90 4.05
N GLY A 94 28.66 -23.84 4.35
CA GLY A 94 28.15 -24.22 5.65
C GLY A 94 26.70 -23.73 5.78
N ASP A 95 26.19 -23.79 7.01
CA ASP A 95 24.80 -23.37 7.18
C ASP A 95 24.76 -22.06 7.94
N PHE A 96 23.70 -21.28 7.68
CA PHE A 96 23.49 -20.02 8.37
C PHE A 96 22.32 -20.31 9.27
N ILE A 97 22.54 -20.34 10.56
CA ILE A 97 21.52 -20.81 11.48
C ILE A 97 20.54 -19.67 11.80
N ASP A 98 19.25 -20.02 11.83
CA ASP A 98 18.15 -19.06 12.07
C ASP A 98 18.24 -17.89 11.11
N TYR A 99 18.47 -18.21 9.82
CA TYR A 99 18.55 -17.15 8.83
C TYR A 99 17.19 -16.45 8.59
N GLU A 100 16.10 -17.22 8.57
CA GLU A 100 14.78 -16.59 8.35
C GLU A 100 14.44 -15.61 9.45
N GLU A 101 14.74 -15.97 10.70
CA GLU A 101 14.56 -15.06 11.84
C GLU A 101 15.41 -13.81 11.70
N LEU A 102 16.68 -13.96 11.24
CA LEU A 102 17.52 -12.76 11.02
C LEU A 102 16.93 -11.84 9.96
N ARG A 103 16.43 -12.41 8.87
CA ARG A 103 15.75 -11.60 7.86
C ARG A 103 14.54 -10.88 8.44
N GLU A 104 13.78 -11.58 9.26
CA GLU A 104 12.62 -10.97 9.91
C GLU A 104 13.06 -9.83 10.83
N GLN A 105 14.15 -10.01 11.58
CA GLN A 105 14.66 -8.93 12.42
C GLN A 105 15.04 -7.73 11.56
N LEU A 106 15.71 -7.98 10.43
CA LEU A 106 16.27 -6.88 9.63
C LEU A 106 15.16 -6.07 8.98
N SER A 107 13.98 -6.67 8.84
CA SER A 107 12.88 -6.01 8.19
C SER A 107 12.39 -4.80 8.97
N SER A 108 12.70 -4.67 10.28
CA SER A 108 12.37 -3.46 11.03
C SER A 108 13.60 -2.60 11.35
N VAL A 109 14.70 -2.77 10.62
CA VAL A 109 15.87 -1.95 10.85
C VAL A 109 15.88 -0.86 9.78
N SER A 110 16.02 0.40 10.20
CA SER A 110 16.08 1.49 9.24
C SER A 110 17.49 2.03 9.02
N SER A 111 18.43 1.75 9.93
CA SER A 111 19.82 2.17 9.73
C SER A 111 20.67 1.41 10.73
N PHE A 112 21.99 1.40 10.49
CA PHE A 112 22.83 0.85 11.53
C PHE A 112 24.18 1.52 11.47
N GLU A 113 24.96 1.34 12.54
CA GLU A 113 26.37 1.76 12.55
C GLU A 113 27.21 0.49 12.53
N ARG A 114 28.01 0.32 11.49
CA ARG A 114 28.92 -0.79 11.38
C ARG A 114 30.18 -0.38 12.13
N PHE A 115 30.55 -1.11 13.19
CA PHE A 115 31.70 -0.68 14.00
C PHE A 115 32.59 -1.87 14.36
N GLU A 116 33.84 -1.55 14.70
CA GLU A 116 34.84 -2.58 15.00
C GLU A 116 34.65 -3.08 16.44
N ILE A 117 33.93 -4.18 16.60
CA ILE A 117 33.67 -4.68 17.95
C ILE A 117 34.92 -5.31 18.55
N PHE A 118 35.69 -6.04 17.74
CA PHE A 118 36.99 -6.58 18.18
C PHE A 118 38.07 -6.16 17.20
N PRO A 119 38.80 -5.08 17.51
CA PRO A 119 39.88 -4.61 16.62
C PRO A 119 40.87 -5.72 16.34
N LYS A 120 41.20 -5.88 15.06
CA LYS A 120 41.96 -7.01 14.57
C LYS A 120 43.33 -7.11 15.23
N GLU A 121 44.00 -5.99 15.46
CA GLU A 121 45.38 -6.16 15.90
C GLU A 121 45.53 -6.32 17.40
N SER A 122 44.57 -5.86 18.19
CA SER A 122 44.70 -5.86 19.64
C SER A 122 43.87 -6.93 20.35
N SER A 123 42.90 -7.53 19.68
CA SER A 123 41.92 -8.37 20.37
C SER A 123 42.39 -9.79 20.62
N TRP A 124 43.34 -10.31 19.85
CA TRP A 124 43.64 -11.74 19.84
C TRP A 124 45.15 -11.93 19.93
N PRO A 125 45.75 -11.38 20.97
CA PRO A 125 47.20 -11.15 20.94
C PRO A 125 48.05 -12.38 20.67
N ASN A 126 47.59 -13.58 21.01
CA ASN A 126 48.47 -14.74 20.89
C ASN A 126 47.99 -15.71 19.81
N HIS A 127 47.26 -15.21 18.83
CA HIS A 127 46.71 -15.98 17.71
C HIS A 127 47.01 -15.28 16.41
N ASN A 128 47.17 -16.05 15.35
CA ASN A 128 47.16 -15.43 14.04
C ASN A 128 45.74 -15.02 13.64
N THR A 129 45.63 -13.88 12.97
CA THR A 129 44.35 -13.34 12.50
C THR A 129 44.28 -13.23 10.99
N ASN A 130 45.26 -13.76 10.27
CA ASN A 130 45.39 -13.50 8.85
C ASN A 130 44.85 -14.63 7.98
N GLY A 131 44.15 -15.61 8.54
CA GLY A 131 43.66 -16.68 7.69
C GLY A 131 42.72 -16.24 6.57
N VAL A 132 42.98 -16.74 5.35
CA VAL A 132 42.12 -16.48 4.20
C VAL A 132 41.78 -17.80 3.50
N THR A 133 40.88 -17.74 2.52
CA THR A 133 40.47 -18.93 1.80
C THR A 133 40.21 -18.61 0.34
N ALA A 134 40.50 -19.58 -0.51
CA ALA A 134 40.21 -19.41 -1.93
C ALA A 134 38.71 -19.42 -2.20
N ALA A 135 37.91 -19.95 -1.27
CA ALA A 135 36.46 -19.92 -1.41
C ALA A 135 35.90 -18.51 -1.36
N CYS A 136 36.66 -17.57 -0.79
CA CYS A 136 36.21 -16.18 -0.67
C CYS A 136 37.21 -15.29 -1.37
N SER A 137 37.46 -15.59 -2.64
CA SER A 137 38.46 -14.89 -3.40
C SER A 137 38.00 -13.49 -3.76
N HIS A 138 38.95 -12.59 -3.88
CA HIS A 138 38.64 -11.24 -4.30
C HIS A 138 39.82 -10.71 -5.09
N GLU A 139 39.54 -10.18 -6.27
CA GLU A 139 40.58 -9.62 -7.11
C GLU A 139 41.68 -10.65 -7.35
N GLY A 140 41.29 -11.92 -7.40
CA GLY A 140 42.24 -12.97 -7.73
C GLY A 140 43.13 -13.41 -6.59
N LYS A 141 42.84 -13.00 -5.35
CA LYS A 141 43.59 -13.44 -4.18
C LYS A 141 42.63 -14.10 -3.18
N SER A 142 43.11 -15.10 -2.43
CA SER A 142 42.30 -15.62 -1.34
C SER A 142 41.99 -14.48 -0.37
N SER A 143 40.77 -14.45 0.13
CA SER A 143 40.36 -13.36 1.00
C SER A 143 39.41 -13.92 2.04
N PHE A 144 38.64 -13.06 2.68
CA PHE A 144 37.77 -13.54 3.74
C PHE A 144 36.68 -12.49 3.94
N TYR A 145 35.70 -12.88 4.71
CA TYR A 145 34.60 -11.98 5.06
C TYR A 145 35.16 -10.71 5.68
N ARG A 146 34.57 -9.56 5.36
CA ARG A 146 35.10 -8.30 5.88
C ARG A 146 34.69 -8.06 7.34
N ASN A 147 33.67 -8.75 7.84
CA ASN A 147 33.19 -8.52 9.19
C ASN A 147 33.58 -9.61 10.19
N LEU A 148 34.33 -10.63 9.76
CA LEU A 148 34.75 -11.70 10.65
C LEU A 148 36.25 -11.89 10.50
N LEU A 149 36.80 -12.65 11.42
CA LEU A 149 38.25 -12.83 11.49
C LEU A 149 38.52 -14.29 11.76
N TRP A 150 39.30 -14.92 10.91
CA TRP A 150 39.70 -16.32 11.10
C TRP A 150 40.89 -16.40 12.07
N LEU A 151 40.66 -16.86 13.31
CA LEU A 151 41.79 -17.00 14.26
C LEU A 151 42.43 -18.37 14.12
N THR A 152 43.77 -18.42 14.15
CA THR A 152 44.46 -19.69 14.04
C THR A 152 45.64 -19.71 15.02
N GLU A 153 46.31 -20.85 15.08
CA GLU A 153 47.45 -21.02 15.96
C GLU A 153 48.57 -20.05 15.59
N LYS A 154 49.36 -19.69 16.60
CA LYS A 154 50.53 -18.82 16.40
C LYS A 154 51.71 -19.51 17.07
N GLU A 155 52.81 -19.67 16.35
CA GLU A 155 54.02 -20.32 16.90
C GLU A 155 53.74 -21.74 17.43
N GLY A 156 52.77 -22.45 16.84
CA GLY A 156 52.45 -23.81 17.20
C GLY A 156 51.42 -23.99 18.29
N SER A 157 50.92 -22.92 18.89
CA SER A 157 49.98 -23.02 19.99
C SER A 157 48.75 -22.17 19.73
N TYR A 158 47.64 -22.60 20.30
CA TYR A 158 46.38 -21.88 20.22
C TYR A 158 45.91 -21.87 21.66
N PRO A 159 46.35 -20.90 22.45
CA PRO A 159 45.97 -20.90 23.87
C PRO A 159 44.48 -20.56 24.02
N LYS A 160 43.92 -21.01 25.14
CA LYS A 160 42.53 -20.70 25.45
C LYS A 160 42.34 -19.19 25.45
N LEU A 161 41.29 -18.72 24.80
CA LEU A 161 41.04 -17.28 24.73
C LEU A 161 39.69 -16.94 25.33
N LYS A 162 39.59 -15.71 25.84
CA LYS A 162 38.34 -15.16 26.38
C LYS A 162 38.35 -13.68 26.04
N ASN A 163 37.37 -13.25 25.26
CA ASN A 163 37.22 -11.84 24.96
C ASN A 163 35.77 -11.47 25.16
N SER A 164 35.52 -10.23 25.55
CA SER A 164 34.16 -9.81 25.80
C SER A 164 33.96 -8.37 25.33
N TYR A 165 32.73 -8.06 24.90
CA TYR A 165 32.39 -6.70 24.52
C TYR A 165 31.15 -6.27 25.28
N VAL A 166 31.24 -5.09 25.90
CA VAL A 166 30.14 -4.47 26.64
C VAL A 166 29.45 -3.50 25.71
N ASN A 167 28.12 -3.61 25.59
CA ASN A 167 27.35 -2.82 24.63
C ASN A 167 27.02 -1.45 25.22
N LYS A 168 27.86 -0.47 24.91
CA LYS A 168 27.62 0.91 25.32
C LYS A 168 27.08 1.78 24.19
N LYS A 169 26.47 1.17 23.19
CA LYS A 169 25.92 1.92 22.06
C LYS A 169 24.52 2.47 22.31
N GLY A 170 23.85 2.07 23.38
CA GLY A 170 22.48 2.47 23.59
C GLY A 170 21.53 1.91 22.56
N LYS A 171 21.97 0.93 21.79
CA LYS A 171 21.14 0.27 20.79
C LYS A 171 21.45 -1.22 20.84
N GLU A 172 20.50 -2.03 20.34
CA GLU A 172 20.84 -3.43 20.13
C GLU A 172 22.04 -3.52 19.19
N VAL A 173 22.93 -4.45 19.48
CA VAL A 173 24.08 -4.73 18.61
C VAL A 173 23.95 -6.13 18.05
N LEU A 174 23.93 -6.23 16.73
CA LEU A 174 23.87 -7.48 16.00
C LEU A 174 25.30 -8.00 15.88
N VAL A 175 25.57 -9.15 16.49
CA VAL A 175 26.87 -9.79 16.42
C VAL A 175 26.75 -11.05 15.58
N LEU A 176 27.64 -11.20 14.60
CA LEU A 176 27.76 -12.42 13.81
C LEU A 176 29.11 -13.12 14.08
N TRP A 177 29.14 -14.45 14.01
CA TRP A 177 30.40 -15.17 14.18
C TRP A 177 30.21 -16.51 13.47
N GLY A 178 31.29 -17.30 13.39
CA GLY A 178 31.19 -18.56 12.70
C GLY A 178 31.95 -19.64 13.46
N ILE A 179 31.64 -20.89 13.12
CA ILE A 179 32.27 -22.06 13.74
C ILE A 179 32.83 -22.92 12.62
N HIS A 180 34.13 -23.18 12.64
CA HIS A 180 34.74 -23.91 11.56
C HIS A 180 34.84 -25.39 11.90
N HIS A 181 34.58 -26.25 10.91
CA HIS A 181 34.52 -27.70 11.07
C HIS A 181 35.47 -28.26 10.03
N PRO A 182 36.74 -28.52 10.39
CA PRO A 182 37.72 -29.02 9.44
C PRO A 182 37.30 -30.37 8.89
N PRO A 183 37.85 -30.78 7.75
CA PRO A 183 37.48 -32.08 7.18
C PRO A 183 38.22 -33.26 7.80
N ASN A 184 39.31 -33.02 8.51
CA ASN A 184 40.13 -34.12 9.05
C ASN A 184 40.97 -33.61 10.21
N SER A 185 41.59 -34.56 10.93
CA SER A 185 42.22 -34.23 12.20
C SER A 185 43.52 -33.44 12.04
N LYS A 186 44.26 -33.66 10.95
CA LYS A 186 45.50 -32.92 10.76
C LYS A 186 45.22 -31.46 10.45
N GLU A 187 44.12 -31.18 9.75
CA GLU A 187 43.76 -29.78 9.57
C GLU A 187 43.38 -29.16 10.91
N GLN A 188 42.54 -29.85 11.68
CA GLN A 188 42.25 -29.41 13.05
C GLN A 188 43.54 -29.10 13.81
N GLN A 189 44.49 -30.03 13.78
CA GLN A 189 45.73 -29.84 14.52
C GLN A 189 46.51 -28.68 13.94
N ASN A 190 46.61 -28.61 12.61
CA ASN A 190 47.41 -27.55 11.98
C ASN A 190 46.84 -26.18 12.29
N LEU A 191 45.50 -26.04 12.23
CA LEU A 191 44.91 -24.74 12.39
C LEU A 191 44.84 -24.30 13.84
N TYR A 192 44.49 -25.21 14.75
CA TYR A 192 44.05 -24.83 16.10
C TYR A 192 44.82 -25.51 17.23
N GLN A 193 45.75 -26.43 16.92
CA GLN A 193 46.55 -27.18 17.89
C GLN A 193 45.73 -28.18 18.68
N ASN A 194 44.67 -27.72 19.32
CA ASN A 194 43.93 -28.54 20.29
C ASN A 194 42.92 -29.43 19.58
N GLU A 195 43.08 -30.74 19.74
CA GLU A 195 42.24 -31.67 18.99
C GLU A 195 40.79 -31.61 19.45
N ASN A 196 40.57 -31.56 20.76
CA ASN A 196 39.21 -31.54 21.32
C ASN A 196 38.90 -30.11 21.74
N ALA A 197 38.54 -29.31 20.77
CA ALA A 197 38.36 -27.90 21.02
C ALA A 197 36.88 -27.58 21.21
N TYR A 198 36.61 -26.43 21.81
CA TYR A 198 35.26 -25.93 22.07
C TYR A 198 35.26 -24.43 21.85
N VAL A 199 34.05 -23.89 21.64
CA VAL A 199 33.77 -22.47 21.60
C VAL A 199 32.52 -22.25 22.44
N SER A 200 32.47 -21.17 23.21
CA SER A 200 31.22 -20.80 23.88
C SER A 200 30.95 -19.32 23.65
N VAL A 201 29.66 -18.97 23.57
CA VAL A 201 29.24 -17.59 23.40
C VAL A 201 28.13 -17.34 24.40
N VAL A 202 28.20 -16.22 25.11
CA VAL A 202 27.32 -15.99 26.27
C VAL A 202 26.88 -14.53 26.29
N THR A 203 25.57 -14.31 26.42
CA THR A 203 25.02 -13.02 26.82
C THR A 203 24.00 -13.26 27.93
N SER A 204 23.35 -12.18 28.35
CA SER A 204 22.28 -12.35 29.33
C SER A 204 21.11 -13.15 28.78
N ASN A 205 20.92 -13.20 27.48
CA ASN A 205 19.77 -13.98 26.98
C ASN A 205 20.16 -14.91 25.85
N TYR A 206 21.43 -15.30 25.77
CA TYR A 206 21.93 -16.22 24.77
C TYR A 206 23.08 -17.02 25.38
N ASN A 207 23.06 -18.34 25.22
CA ASN A 207 24.26 -19.09 25.57
C ASN A 207 24.29 -20.37 24.74
N ARG A 208 25.45 -20.64 24.13
CA ARG A 208 25.62 -21.85 23.34
C ARG A 208 27.10 -22.28 23.40
N ARG A 209 27.32 -23.56 23.55
CA ARG A 209 28.65 -24.17 23.41
C ARG A 209 28.66 -24.90 22.07
N PHE A 210 29.72 -24.72 21.29
CA PHE A 210 29.87 -25.38 20.00
C PHE A 210 31.05 -26.33 20.06
N THR A 211 30.86 -27.53 19.52
CA THR A 211 31.96 -28.48 19.41
C THR A 211 32.15 -28.83 17.95
N PRO A 212 33.35 -28.70 17.39
CA PRO A 212 33.51 -28.97 15.97
C PRO A 212 33.20 -30.42 15.66
N GLU A 213 32.73 -30.64 14.44
CA GLU A 213 32.45 -31.95 13.88
C GLU A 213 33.44 -32.15 12.75
N ILE A 214 34.45 -32.98 12.98
CA ILE A 214 35.49 -33.26 11.99
C ILE A 214 35.00 -34.35 11.04
N ALA A 215 34.93 -34.02 9.75
CA ALA A 215 34.56 -35.04 8.77
C ALA A 215 34.71 -34.46 7.37
N GLU A 216 34.86 -35.36 6.41
CA GLU A 216 34.98 -34.99 5.00
C GLU A 216 33.59 -34.91 4.38
N ARG A 217 33.15 -33.69 4.08
CA ARG A 217 31.95 -33.47 3.28
C ARG A 217 32.31 -33.44 1.81
N PRO A 218 31.35 -33.63 0.90
CA PRO A 218 31.65 -33.39 -0.51
C PRO A 218 32.19 -31.97 -0.68
N LYS A 219 33.01 -31.76 -1.71
CA LYS A 219 33.62 -30.45 -1.88
C LYS A 219 32.60 -29.48 -2.45
N VAL A 220 32.53 -28.29 -1.86
CA VAL A 220 31.69 -27.20 -2.34
C VAL A 220 32.59 -25.98 -2.42
N ARG A 221 32.70 -25.40 -3.62
CA ARG A 221 33.66 -24.32 -3.85
C ARG A 221 35.08 -24.80 -3.52
N ASP A 222 35.32 -26.10 -3.74
CA ASP A 222 36.59 -26.78 -3.46
C ASP A 222 36.85 -26.98 -1.97
N GLN A 223 35.85 -26.88 -1.10
CA GLN A 223 36.08 -27.03 0.34
C GLN A 223 35.44 -28.31 0.86
N ALA A 224 36.22 -29.11 1.60
CA ALA A 224 35.68 -30.29 2.27
C ALA A 224 35.25 -30.00 3.70
N GLY A 225 35.75 -28.93 4.30
CA GLY A 225 35.33 -28.50 5.62
C GLY A 225 34.05 -27.68 5.51
N ARG A 226 33.54 -27.24 6.66
CA ARG A 226 32.33 -26.43 6.69
C ARG A 226 32.48 -25.36 7.75
N MET A 227 31.68 -24.31 7.57
CA MET A 227 31.66 -23.16 8.47
C MET A 227 30.19 -22.84 8.68
N ASN A 228 29.73 -22.92 9.93
CA ASN A 228 28.36 -22.51 10.27
C ASN A 228 28.38 -21.11 10.84
N TYR A 229 27.32 -20.36 10.56
CA TYR A 229 27.29 -18.94 10.85
C TYR A 229 26.14 -18.66 11.80
N TYR A 230 26.40 -17.81 12.79
CA TYR A 230 25.48 -17.61 13.89
C TYR A 230 25.39 -16.12 14.14
N TRP A 231 24.30 -15.72 14.80
CA TRP A 231 24.10 -14.32 15.14
C TRP A 231 23.35 -14.23 16.47
N THR A 232 23.47 -13.10 17.13
CA THR A 232 22.56 -12.80 18.23
C THR A 232 22.46 -11.29 18.33
N LEU A 233 21.41 -10.81 19.03
CA LEU A 233 21.24 -9.40 19.33
C LEU A 233 21.66 -9.11 20.76
N LEU A 234 22.69 -8.31 20.92
CA LEU A 234 23.19 -7.97 22.25
C LEU A 234 22.44 -6.75 22.76
N LYS A 235 21.70 -6.91 23.86
CA LYS A 235 20.88 -5.83 24.36
C LYS A 235 21.77 -4.72 24.90
N PRO A 236 21.29 -3.47 24.86
CA PRO A 236 22.01 -2.36 25.48
C PRO A 236 22.46 -2.64 26.91
N GLY A 237 23.71 -2.34 27.18
CA GLY A 237 24.24 -2.56 28.50
C GLY A 237 24.63 -3.99 28.79
N ASP A 238 24.26 -4.95 27.94
CA ASP A 238 24.71 -6.31 28.18
C ASP A 238 26.14 -6.48 27.67
N THR A 239 26.75 -7.61 28.06
CA THR A 239 28.09 -8.03 27.66
C THR A 239 28.00 -9.35 26.90
N ILE A 240 28.73 -9.48 25.77
CA ILE A 240 28.87 -10.76 25.06
C ILE A 240 30.28 -11.27 25.31
N ILE A 241 30.39 -12.58 25.58
CA ILE A 241 31.67 -13.19 25.86
C ILE A 241 31.92 -14.35 24.91
N PHE A 242 33.11 -14.36 24.32
CA PHE A 242 33.56 -15.43 23.44
C PHE A 242 34.68 -16.19 24.15
N GLU A 243 34.55 -17.53 24.21
CA GLU A 243 35.62 -18.39 24.75
C GLU A 243 35.91 -19.52 23.76
N ALA A 244 37.19 -19.83 23.58
CA ALA A 244 37.50 -20.84 22.59
C ALA A 244 38.91 -21.35 22.83
N ASN A 245 39.13 -22.60 22.44
CA ASN A 245 40.50 -23.08 22.24
C ASN A 245 40.69 -23.61 20.82
N GLY A 246 39.83 -23.18 19.90
CA GLY A 246 39.93 -23.50 18.49
C GLY A 246 38.62 -23.18 17.80
N ASN A 247 38.68 -23.05 16.48
CA ASN A 247 37.57 -23.19 15.58
C ASN A 247 36.65 -21.99 15.60
N LEU A 248 37.01 -20.92 16.28
CA LEU A 248 36.15 -19.74 16.31
C LEU A 248 36.49 -18.82 15.14
N ILE A 249 35.46 -18.44 14.37
CA ILE A 249 35.62 -17.42 13.35
C ILE A 249 35.06 -16.17 14.00
N ALA A 250 35.94 -15.34 14.45
CA ALA A 250 35.56 -14.34 15.44
C ALA A 250 34.80 -13.16 14.83
N PRO A 251 33.91 -12.52 15.57
CA PRO A 251 33.40 -11.20 15.10
C PRO A 251 34.53 -10.18 15.00
N MET A 252 34.45 -9.32 13.99
CA MET A 252 35.39 -8.21 13.89
C MET A 252 34.60 -6.91 13.78
N TYR A 253 33.63 -6.86 12.88
CA TYR A 253 32.69 -5.74 12.81
C TYR A 253 31.31 -6.23 13.22
N ALA A 254 30.58 -5.39 13.97
CA ALA A 254 29.19 -5.66 14.35
C ALA A 254 28.34 -4.44 13.98
N PHE A 255 27.05 -4.48 14.30
CA PHE A 255 26.08 -3.47 13.81
C PHE A 255 25.20 -2.99 14.95
N ALA A 256 25.33 -1.70 15.29
CA ALA A 256 24.42 -1.06 16.23
C ALA A 256 23.14 -0.71 15.46
N LEU A 257 22.02 -1.31 15.83
CA LEU A 257 20.80 -1.23 15.03
C LEU A 257 19.89 -0.10 15.47
N SER A 258 19.35 0.62 14.51
CA SER A 258 18.28 1.55 14.77
C SER A 258 17.03 0.95 14.17
N ARG A 259 15.95 0.90 14.96
CA ARG A 259 14.69 0.33 14.51
C ARG A 259 13.80 1.40 13.90
N GLY A 260 13.08 1.02 12.86
CA GLY A 260 11.96 1.81 12.37
C GLY A 260 10.83 0.91 11.93
N PHE A 261 9.66 1.47 11.88
CA PHE A 261 8.56 0.64 11.40
C PHE A 261 8.33 0.90 9.94
N GLY A 262 7.77 -0.10 9.27
CA GLY A 262 7.39 0.09 7.89
C GLY A 262 8.47 -0.28 6.89
N SER A 263 9.61 -0.76 7.33
CA SER A 263 10.58 -1.22 6.37
C SER A 263 10.27 -2.66 6.00
N GLY A 264 11.08 -3.20 5.09
CA GLY A 264 10.91 -4.58 4.71
C GLY A 264 11.89 -4.95 3.62
N ILE A 265 11.94 -6.25 3.34
CA ILE A 265 12.70 -6.83 2.24
C ILE A 265 11.73 -7.26 1.15
N ILE A 266 11.98 -6.82 -0.10
CA ILE A 266 11.17 -7.23 -1.24
C ILE A 266 12.11 -7.79 -2.28
N THR A 267 11.54 -8.59 -3.17
CA THR A 267 12.26 -9.01 -4.37
C THR A 267 11.69 -8.28 -5.56
N SER A 268 12.54 -7.72 -6.41
CA SER A 268 12.03 -6.89 -7.51
C SER A 268 12.93 -6.96 -8.74
N ASN A 269 12.31 -6.92 -9.94
CA ASN A 269 12.98 -6.78 -11.24
C ASN A 269 13.07 -5.33 -11.75
N ALA A 270 12.45 -4.39 -11.05
CA ALA A 270 12.39 -2.98 -11.49
C ALA A 270 13.72 -2.26 -11.24
N SER A 271 13.89 -1.12 -11.89
CA SER A 271 15.13 -0.38 -11.80
C SER A 271 14.92 0.85 -10.93
N MET A 272 15.95 1.20 -10.13
CA MET A 272 15.99 2.45 -9.37
C MET A 272 16.02 3.67 -10.29
N HIS A 273 15.11 4.64 -10.06
CA HIS A 273 15.16 5.96 -10.70
C HIS A 273 15.27 7.04 -9.61
N GLU A 274 15.52 8.28 -10.03
CA GLU A 274 15.52 9.39 -9.09
C GLU A 274 14.06 9.85 -8.92
N CYS A 275 13.32 9.10 -8.11
CA CYS A 275 11.93 9.46 -7.83
C CYS A 275 11.66 9.21 -6.36
N ASN A 276 10.51 9.73 -5.89
CA ASN A 276 10.16 9.62 -4.49
C ASN A 276 8.70 9.23 -4.40
N THR A 277 8.36 8.33 -3.49
CA THR A 277 6.97 7.89 -3.38
C THR A 277 6.58 7.75 -1.90
N LYS A 278 5.27 7.67 -1.66
CA LYS A 278 4.70 7.21 -0.40
C LYS A 278 4.39 5.73 -0.40
N CYS A 279 4.40 5.07 -1.56
CA CYS A 279 3.97 3.67 -1.68
C CYS A 279 4.81 2.98 -2.73
N GLN A 280 5.60 1.95 -2.34
CA GLN A 280 6.37 1.17 -3.32
C GLN A 280 5.87 -0.28 -3.38
N THR A 281 5.75 -0.87 -4.60
CA THR A 281 5.47 -2.31 -4.76
C THR A 281 6.66 -2.87 -5.53
N PRO A 282 6.79 -4.19 -5.63
CA PRO A 282 7.91 -4.76 -6.40
C PRO A 282 7.82 -4.49 -7.90
N LEU A 283 6.64 -4.06 -8.39
CA LEU A 283 6.48 -3.74 -9.80
C LEU A 283 6.73 -2.28 -10.12
N GLY A 284 6.58 -1.39 -9.14
CA GLY A 284 6.68 0.05 -9.39
C GLY A 284 6.02 0.79 -8.25
N ALA A 285 6.23 2.11 -8.24
CA ALA A 285 5.66 2.91 -7.16
C ALA A 285 4.24 3.37 -7.55
N ILE A 286 3.42 3.59 -6.53
CA ILE A 286 2.03 4.01 -6.70
C ILE A 286 1.88 5.44 -6.15
N ASN A 287 1.24 6.30 -6.94
CA ASN A 287 0.97 7.67 -6.48
C ASN A 287 -0.54 7.86 -6.67
N SER A 288 -1.31 7.63 -5.60
CA SER A 288 -2.77 7.54 -5.80
C SER A 288 -3.49 7.87 -4.52
N SER A 289 -4.70 8.47 -4.64
CA SER A 289 -5.59 8.62 -3.50
C SER A 289 -6.66 7.54 -3.46
N LEU A 290 -6.64 6.61 -4.40
CA LEU A 290 -7.69 5.62 -4.45
C LEU A 290 -7.57 4.62 -3.29
N PRO A 291 -8.71 4.07 -2.84
CA PRO A 291 -8.68 3.25 -1.64
C PRO A 291 -8.16 1.83 -1.88
N TYR A 292 -8.24 1.31 -3.11
CA TYR A 292 -7.93 -0.07 -3.41
C TYR A 292 -6.93 -0.10 -4.55
N GLN A 293 -6.19 -1.21 -4.66
CA GLN A 293 -5.33 -1.41 -5.85
C GLN A 293 -5.23 -2.92 -6.15
N ASN A 294 -4.98 -3.30 -7.41
CA ASN A 294 -4.88 -4.70 -7.76
C ASN A 294 -3.49 -4.93 -8.37
N ILE A 295 -2.54 -4.11 -7.96
CA ILE A 295 -1.19 -4.17 -8.56
C ILE A 295 -0.33 -5.25 -7.89
N HIS A 296 -0.27 -5.23 -6.57
CA HIS A 296 0.59 -6.22 -5.90
C HIS A 296 0.26 -6.27 -4.41
N PRO A 297 0.31 -7.47 -3.79
CA PRO A 297 0.10 -7.57 -2.33
C PRO A 297 1.27 -7.13 -1.50
N VAL A 298 2.48 -7.07 -2.07
CA VAL A 298 3.67 -6.62 -1.34
C VAL A 298 3.77 -5.10 -1.50
N THR A 299 3.77 -4.40 -0.35
CA THR A 299 3.77 -2.96 -0.32
C THR A 299 4.70 -2.44 0.75
N ILE A 300 5.41 -1.37 0.40
CA ILE A 300 6.21 -0.61 1.36
C ILE A 300 5.59 0.78 1.45
N GLY A 301 5.29 1.25 2.68
CA GLY A 301 4.84 2.62 2.90
C GLY A 301 3.38 2.68 3.23
N GLU A 302 2.66 3.60 2.58
CA GLU A 302 1.24 3.77 2.82
C GLU A 302 0.55 3.66 1.46
N CYS A 303 -0.12 2.54 1.21
CA CYS A 303 -0.52 2.06 -0.11
C CYS A 303 -2.01 1.81 -0.09
N PRO A 304 -2.67 1.85 -1.26
CA PRO A 304 -4.07 1.38 -1.29
C PRO A 304 -4.14 -0.09 -0.91
N LYS A 305 -5.30 -0.50 -0.46
CA LYS A 305 -5.55 -1.85 0.02
C LYS A 305 -5.57 -2.83 -1.17
N TYR A 306 -4.78 -3.90 -1.08
CA TYR A 306 -4.75 -4.80 -2.24
C TYR A 306 -6.01 -5.69 -2.28
N VAL A 307 -6.62 -5.82 -3.49
CA VAL A 307 -7.71 -6.74 -3.72
C VAL A 307 -7.51 -7.42 -5.06
N ARG A 308 -8.21 -8.54 -5.27
CA ARG A 308 -8.06 -9.28 -6.52
C ARG A 308 -8.94 -8.72 -7.63
N SER A 309 -9.75 -7.73 -7.32
CA SER A 309 -10.76 -7.27 -8.25
C SER A 309 -10.17 -6.76 -9.57
N ALA A 310 -11.01 -6.85 -10.65
CA ALA A 310 -10.60 -6.28 -11.93
C ALA A 310 -11.19 -4.90 -12.16
N LYS A 311 -12.29 -4.58 -11.47
CA LYS A 311 -12.98 -3.29 -11.64
C LYS A 311 -13.65 -2.98 -10.31
N LEU A 312 -13.58 -1.73 -9.85
CA LEU A 312 -14.39 -1.24 -8.73
C LEU A 312 -14.79 0.17 -9.13
N ARG A 313 -16.02 0.36 -9.63
CA ARG A 313 -16.38 1.72 -10.03
C ARG A 313 -17.69 2.09 -9.34
N MET A 314 -17.68 3.21 -8.64
CA MET A 314 -18.86 3.62 -7.87
C MET A 314 -19.61 4.68 -8.70
N VAL A 315 -20.94 4.51 -8.84
CA VAL A 315 -21.66 5.59 -9.55
C VAL A 315 -21.85 6.73 -8.57
N THR A 316 -21.76 7.97 -9.06
CA THR A 316 -22.14 9.08 -8.23
C THR A 316 -23.37 9.78 -8.82
N GLY A 317 -23.48 9.78 -10.14
CA GLY A 317 -24.64 10.43 -10.85
C GLY A 317 -25.69 9.37 -11.11
N LEU A 318 -26.44 9.55 -12.24
CA LEU A 318 -27.63 8.72 -12.39
C LEU A 318 -27.59 8.02 -13.76
N ARG A 319 -28.59 7.13 -13.98
CA ARG A 319 -28.67 6.42 -15.26
C ARG A 319 -28.64 7.42 -16.42
N ASN A 320 -27.74 7.21 -17.38
CA ASN A 320 -27.57 8.19 -18.47
C ASN A 320 -28.43 7.80 -19.67
N ILE A 321 -29.40 8.64 -20.02
CA ILE A 321 -30.34 8.27 -21.10
C ILE A 321 -30.46 9.48 -22.01
N PRO A 322 -29.44 9.77 -22.86
CA PRO A 322 -29.49 10.97 -23.72
C PRO A 322 -30.50 10.87 -24.88
N GLY B 1 -37.01 1.83 -12.26
CA GLY B 1 -36.27 1.92 -10.97
C GLY B 1 -37.31 1.92 -9.82
N LEU B 2 -36.87 1.96 -8.56
CA LEU B 2 -37.79 1.76 -7.44
C LEU B 2 -38.86 2.85 -7.37
N PHE B 3 -38.53 4.08 -7.77
CA PHE B 3 -39.48 5.19 -7.63
C PHE B 3 -40.19 5.52 -8.92
N GLY B 4 -39.93 4.77 -10.00
CA GLY B 4 -40.78 4.83 -11.18
C GLY B 4 -40.55 6.01 -12.10
N ALA B 5 -39.64 6.93 -11.74
CA ALA B 5 -39.48 8.18 -12.52
C ALA B 5 -38.39 8.05 -13.58
N ILE B 6 -37.13 7.81 -13.15
CA ILE B 6 -36.05 7.75 -14.10
C ILE B 6 -36.20 6.47 -14.93
N ALA B 7 -36.00 6.54 -16.25
CA ALA B 7 -36.30 5.44 -17.15
C ALA B 7 -37.68 4.87 -16.86
N GLY B 8 -38.62 5.75 -16.47
CA GLY B 8 -39.91 5.24 -16.06
C GLY B 8 -40.93 6.19 -16.66
N PHE B 9 -41.70 6.87 -15.84
CA PHE B 9 -42.70 7.72 -16.51
C PHE B 9 -42.08 8.99 -17.10
N ILE B 10 -40.84 9.32 -16.76
CA ILE B 10 -40.07 10.31 -17.50
C ILE B 10 -39.05 9.49 -18.27
N GLU B 11 -39.29 9.32 -19.56
CA GLU B 11 -38.65 8.24 -20.30
C GLU B 11 -37.16 8.48 -20.54
N GLY B 12 -36.70 9.74 -20.64
CA GLY B 12 -35.31 9.98 -21.00
C GLY B 12 -34.76 11.16 -20.23
N GLY B 13 -33.42 11.34 -20.35
CA GLY B 13 -32.77 12.46 -19.71
C GLY B 13 -32.64 13.64 -20.70
N TRP B 14 -32.07 14.74 -20.20
CA TRP B 14 -31.92 15.98 -20.95
C TRP B 14 -30.42 16.35 -21.07
N THR B 15 -29.80 16.13 -22.22
CA THR B 15 -28.48 16.72 -22.41
C THR B 15 -28.51 18.25 -22.32
N GLY B 16 -29.68 18.88 -22.57
CA GLY B 16 -29.66 20.33 -22.50
C GLY B 16 -29.65 20.91 -21.09
N MET B 17 -29.86 20.11 -20.06
CA MET B 17 -29.85 20.66 -18.71
C MET B 17 -28.47 20.39 -18.11
N ILE B 18 -27.61 21.41 -18.11
CA ILE B 18 -26.19 21.12 -17.87
C ILE B 18 -25.74 21.50 -16.48
N ASP B 19 -26.62 22.07 -15.66
CA ASP B 19 -26.16 22.65 -14.39
C ASP B 19 -26.70 21.91 -13.17
N GLY B 20 -27.28 20.72 -13.33
CA GLY B 20 -27.51 19.86 -12.17
C GLY B 20 -28.14 18.56 -12.59
N TRP B 21 -28.43 17.70 -11.59
CA TRP B 21 -28.96 16.38 -11.93
C TRP B 21 -30.47 16.38 -12.19
N TYR B 22 -31.23 17.31 -11.56
CA TYR B 22 -32.69 17.31 -11.67
C TYR B 22 -33.11 18.74 -11.97
N GLY B 23 -34.24 18.89 -12.67
CA GLY B 23 -34.70 20.26 -12.80
C GLY B 23 -35.90 20.32 -13.75
N TYR B 24 -35.98 21.41 -14.47
CA TYR B 24 -37.19 21.81 -15.18
C TYR B 24 -36.91 22.23 -16.61
N HIS B 25 -37.89 21.95 -17.50
CA HIS B 25 -37.92 22.54 -18.84
C HIS B 25 -39.27 23.24 -18.97
N HIS B 26 -39.26 24.49 -19.40
CA HIS B 26 -40.51 25.24 -19.54
C HIS B 26 -40.67 25.74 -20.96
N GLN B 27 -41.92 26.09 -21.32
CA GLN B 27 -42.22 26.63 -22.63
C GLN B 27 -43.36 27.59 -22.37
N ASN B 28 -43.15 28.87 -22.67
CA ASN B 28 -44.26 29.84 -22.64
C ASN B 28 -44.09 30.85 -23.78
N GLU B 29 -44.90 31.91 -23.77
CA GLU B 29 -44.83 32.88 -24.86
C GLU B 29 -43.44 33.48 -24.97
N GLN B 30 -42.76 33.64 -23.84
CA GLN B 30 -41.47 34.31 -23.78
C GLN B 30 -40.33 33.40 -24.25
N GLY B 31 -40.53 32.10 -24.33
CA GLY B 31 -39.46 31.23 -24.78
C GLY B 31 -39.48 29.90 -24.08
N SER B 32 -38.34 29.19 -24.16
CA SER B 32 -38.27 27.89 -23.55
C SER B 32 -36.86 27.73 -23.00
N GLY B 33 -36.72 26.85 -22.03
CA GLY B 33 -35.35 26.64 -21.55
C GLY B 33 -35.29 25.60 -20.46
N TYR B 34 -34.07 25.26 -20.08
CA TYR B 34 -33.83 24.30 -19.01
C TYR B 34 -33.27 25.02 -17.79
N ALA B 35 -33.63 24.52 -16.59
CA ALA B 35 -32.99 25.06 -15.39
C ALA B 35 -32.91 23.98 -14.34
N ALA B 36 -31.72 23.76 -13.77
CA ALA B 36 -31.67 22.75 -12.75
C ALA B 36 -32.39 23.23 -11.50
N ASP B 37 -32.93 22.28 -10.75
CA ASP B 37 -33.45 22.62 -9.43
C ASP B 37 -32.25 22.67 -8.47
N GLN B 38 -31.95 23.85 -7.93
CA GLN B 38 -30.67 24.01 -7.23
C GLN B 38 -30.69 23.33 -5.86
N LYS B 39 -31.80 23.44 -5.14
CA LYS B 39 -31.84 22.85 -3.80
C LYS B 39 -31.70 21.34 -3.86
N SER B 40 -32.51 20.66 -4.70
CA SER B 40 -32.37 19.18 -4.69
C SER B 40 -31.04 18.75 -5.29
N THR B 41 -30.53 19.49 -6.27
CA THR B 41 -29.22 19.11 -6.81
C THR B 41 -28.14 19.24 -5.74
N GLN B 42 -28.14 20.37 -5.03
CA GLN B 42 -27.11 20.60 -4.00
C GLN B 42 -27.21 19.59 -2.85
N ASN B 43 -28.42 19.34 -2.34
CA ASN B 43 -28.59 18.30 -1.29
C ASN B 43 -28.12 16.95 -1.79
N ALA B 44 -28.42 16.61 -3.05
CA ALA B 44 -27.98 15.29 -3.56
C ALA B 44 -26.46 15.23 -3.70
N ILE B 45 -25.82 16.30 -4.17
CA ILE B 45 -24.36 16.24 -4.25
C ILE B 45 -23.78 16.10 -2.84
N ASN B 46 -24.38 16.80 -1.87
CA ASN B 46 -23.92 16.68 -0.48
C ASN B 46 -24.04 15.24 0.00
N GLY B 47 -25.20 14.61 -0.22
CA GLY B 47 -25.39 13.22 0.15
C GLY B 47 -24.43 12.23 -0.53
N ILE B 48 -24.34 12.30 -1.86
CA ILE B 48 -23.49 11.39 -2.64
C ILE B 48 -22.01 11.56 -2.25
N THR B 49 -21.56 12.80 -2.04
CA THR B 49 -20.15 12.98 -1.70
C THR B 49 -19.86 12.52 -0.27
N ASN B 50 -20.82 12.70 0.62
CA ASN B 50 -20.70 12.11 1.95
C ASN B 50 -20.65 10.60 1.87
N LYS B 51 -21.39 10.02 0.93
CA LYS B 51 -21.38 8.56 0.84
C LYS B 51 -20.03 8.07 0.35
N VAL B 52 -19.47 8.75 -0.64
CA VAL B 52 -18.12 8.39 -1.08
C VAL B 52 -17.15 8.51 0.08
N ASN B 53 -17.22 9.61 0.83
CA ASN B 53 -16.28 9.78 1.94
C ASN B 53 -16.42 8.67 2.96
N THR B 54 -17.67 8.29 3.26
CA THR B 54 -17.91 7.22 4.24
C THR B 54 -17.33 5.90 3.77
N VAL B 55 -17.56 5.56 2.50
CA VAL B 55 -16.99 4.33 1.96
C VAL B 55 -15.47 4.36 2.06
N ILE B 56 -14.87 5.47 1.66
CA ILE B 56 -13.42 5.56 1.64
C ILE B 56 -12.85 5.48 3.04
N GLU B 57 -13.45 6.25 3.97
CA GLU B 57 -13.04 6.27 5.37
C GLU B 57 -12.87 4.86 5.98
N LYS B 58 -13.76 3.94 5.61
CA LYS B 58 -13.73 2.65 6.32
C LYS B 58 -12.59 1.72 5.84
N MET B 59 -12.06 1.90 4.62
CA MET B 59 -10.94 1.03 4.12
C MET B 59 -10.27 1.75 2.95
N ASN B 60 -9.05 2.26 3.14
CA ASN B 60 -8.40 2.98 2.04
C ASN B 60 -6.87 2.85 2.08
N ILE B 61 -6.30 2.04 2.97
CA ILE B 61 -4.84 2.06 3.10
C ILE B 61 -4.39 0.74 3.69
N GLN B 62 -3.21 0.34 3.31
CA GLN B 62 -2.53 -0.72 4.01
C GLN B 62 -1.10 -0.22 4.25
N PHE B 63 -0.54 -0.63 5.38
CA PHE B 63 0.83 -0.28 5.68
C PHE B 63 1.73 -1.43 5.21
N THR B 64 3.02 -1.25 5.36
CA THR B 64 3.99 -2.21 4.82
C THR B 64 3.58 -3.65 5.07
N ALA B 65 3.59 -4.44 4.00
CA ALA B 65 3.25 -5.86 4.04
C ALA B 65 4.24 -6.58 3.15
N VAL B 66 5.12 -7.39 3.73
CA VAL B 66 6.17 -8.04 2.96
C VAL B 66 6.14 -9.52 3.31
N GLY B 67 6.75 -10.30 2.42
CA GLY B 67 6.72 -11.73 2.55
C GLY B 67 7.53 -12.24 3.72
N LYS B 68 7.25 -13.48 4.13
CA LYS B 68 8.03 -14.12 5.16
C LYS B 68 8.65 -15.37 4.59
N GLU B 69 9.72 -15.84 5.21
CA GLU B 69 10.40 -17.01 4.69
C GLU B 69 10.35 -18.11 5.74
N PHE B 70 10.34 -19.36 5.25
CA PHE B 70 10.24 -20.56 6.07
C PHE B 70 11.24 -21.59 5.54
N ASN B 71 11.89 -22.30 6.46
CA ASN B 71 12.86 -23.28 6.00
C ASN B 71 12.15 -24.59 5.63
N LYS B 72 12.93 -25.57 5.15
CA LYS B 72 12.38 -26.79 4.61
C LYS B 72 11.60 -27.61 5.64
N LEU B 73 11.77 -27.35 6.95
CA LEU B 73 11.02 -28.11 7.94
C LEU B 73 9.98 -27.23 8.64
N GLU B 74 9.55 -26.17 7.94
CA GLU B 74 8.52 -25.27 8.46
C GLU B 74 7.36 -25.18 7.48
N LYS B 75 7.00 -26.31 6.87
CA LYS B 75 5.94 -26.26 5.85
C LYS B 75 4.57 -25.98 6.51
N ARG B 76 4.32 -26.53 7.70
CA ARG B 76 3.02 -26.22 8.37
C ARG B 76 2.90 -24.73 8.64
N MET B 77 3.95 -24.14 9.21
N MET B 77 3.96 -24.14 9.19
CA MET B 77 3.93 -22.70 9.46
CA MET B 77 3.96 -22.70 9.45
C MET B 77 3.79 -21.89 8.15
C MET B 77 3.81 -21.89 8.17
N GLU B 78 4.51 -22.31 7.10
CA GLU B 78 4.39 -21.62 5.82
C GLU B 78 2.98 -21.70 5.27
N ASN B 79 2.38 -22.90 5.34
CA ASN B 79 0.96 -23.03 4.92
C ASN B 79 0.00 -22.23 5.79
N LEU B 80 0.24 -22.19 7.10
CA LEU B 80 -0.58 -21.37 8.00
C LEU B 80 -0.49 -19.90 7.62
N ASN B 81 0.72 -19.39 7.40
CA ASN B 81 0.88 -18.01 6.94
C ASN B 81 0.13 -17.79 5.63
N LYS B 82 0.27 -18.72 4.69
CA LYS B 82 -0.44 -18.54 3.40
C LYS B 82 -1.96 -18.59 3.56
N LYS B 83 -2.46 -19.50 4.41
CA LYS B 83 -3.90 -19.52 4.72
C LYS B 83 -4.40 -18.19 5.26
N VAL B 84 -3.64 -17.57 6.17
CA VAL B 84 -4.00 -16.25 6.69
C VAL B 84 -4.01 -15.21 5.58
N ASP B 85 -2.92 -15.15 4.81
CA ASP B 85 -2.87 -14.13 3.75
C ASP B 85 -3.99 -14.33 2.72
N ASP B 86 -4.18 -15.57 2.24
CA ASP B 86 -5.23 -15.80 1.23
C ASP B 86 -6.62 -15.50 1.79
N GLY B 87 -6.84 -15.86 3.07
CA GLY B 87 -8.16 -15.74 3.65
C GLY B 87 -8.54 -14.28 3.86
N PHE B 88 -7.56 -13.47 4.31
CA PHE B 88 -7.86 -12.02 4.47
C PHE B 88 -8.09 -11.41 3.12
N LEU B 89 -7.30 -11.84 2.12
CA LEU B 89 -7.49 -11.28 0.78
C LEU B 89 -8.87 -11.66 0.20
N ASP B 90 -9.29 -12.91 0.44
CA ASP B 90 -10.66 -13.30 0.01
C ASP B 90 -11.69 -12.38 0.63
N ILE B 91 -11.54 -12.08 1.93
CA ILE B 91 -12.57 -11.33 2.63
C ILE B 91 -12.59 -9.89 2.16
N TRP B 92 -11.41 -9.27 2.02
CA TRP B 92 -11.42 -7.87 1.60
C TRP B 92 -11.88 -7.71 0.16
N THR B 93 -11.55 -8.66 -0.73
CA THR B 93 -12.02 -8.58 -2.11
C THR B 93 -13.55 -8.66 -2.15
N TYR B 94 -14.11 -9.61 -1.39
CA TYR B 94 -15.58 -9.72 -1.24
C TYR B 94 -16.19 -8.45 -0.68
N ASN B 95 -15.63 -7.94 0.44
CA ASN B 95 -16.18 -6.73 1.04
C ASN B 95 -16.17 -5.57 0.07
N ALA B 96 -15.03 -5.33 -0.58
CA ALA B 96 -14.92 -4.16 -1.45
C ALA B 96 -15.93 -4.24 -2.60
N GLU B 97 -16.01 -5.39 -3.26
CA GLU B 97 -16.88 -5.48 -4.43
C GLU B 97 -18.33 -5.36 -4.01
N LEU B 98 -18.70 -6.01 -2.90
CA LEU B 98 -20.11 -5.99 -2.53
C LEU B 98 -20.54 -4.65 -1.98
N LEU B 99 -19.65 -3.97 -1.26
CA LEU B 99 -20.02 -2.63 -0.81
C LEU B 99 -20.32 -1.72 -2.02
N VAL B 100 -19.48 -1.79 -3.05
CA VAL B 100 -19.70 -0.96 -4.25
C VAL B 100 -20.99 -1.35 -4.97
N LEU B 101 -21.23 -2.66 -5.17
CA LEU B 101 -22.47 -3.06 -5.84
C LEU B 101 -23.72 -2.56 -5.10
N LEU B 102 -23.71 -2.73 -3.79
CA LEU B 102 -24.89 -2.40 -2.99
C LEU B 102 -25.09 -0.89 -2.95
N GLU B 103 -24.01 -0.14 -2.75
CA GLU B 103 -24.12 1.33 -2.73
C GLU B 103 -24.52 1.87 -4.12
N ASN B 104 -24.03 1.25 -5.20
CA ASN B 104 -24.44 1.67 -6.54
C ASN B 104 -25.95 1.54 -6.71
N GLU B 105 -26.51 0.40 -6.31
CA GLU B 105 -27.99 0.24 -6.40
C GLU B 105 -28.70 1.35 -5.63
N ARG B 106 -28.25 1.60 -4.40
CA ARG B 106 -28.88 2.62 -3.55
C ARG B 106 -28.73 4.02 -4.14
N THR B 107 -27.57 4.29 -4.77
CA THR B 107 -27.35 5.60 -5.36
C THR B 107 -28.32 5.82 -6.51
N LEU B 108 -28.43 4.84 -7.41
CA LEU B 108 -29.38 5.07 -8.52
C LEU B 108 -30.82 5.28 -7.99
N ASP B 109 -31.21 4.51 -6.96
CA ASP B 109 -32.57 4.62 -6.39
C ASP B 109 -32.77 5.99 -5.74
N PHE B 110 -31.69 6.50 -5.14
CA PHE B 110 -31.74 7.82 -4.50
C PHE B 110 -32.02 8.92 -5.52
N HIS B 111 -31.33 8.88 -6.66
CA HIS B 111 -31.61 9.84 -7.74
C HIS B 111 -33.07 9.73 -8.23
N ASP B 112 -33.55 8.49 -8.42
CA ASP B 112 -34.93 8.22 -8.87
C ASP B 112 -35.91 8.84 -7.90
N SER B 113 -35.66 8.61 -6.61
CA SER B 113 -36.50 9.21 -5.55
C SER B 113 -36.50 10.73 -5.62
N ASN B 114 -35.33 11.32 -5.80
CA ASN B 114 -35.29 12.79 -5.88
C ASN B 114 -36.08 13.32 -7.06
N VAL B 115 -36.01 12.65 -8.22
CA VAL B 115 -36.83 13.10 -9.37
C VAL B 115 -38.31 12.94 -9.06
N LYS B 116 -38.69 11.76 -8.55
CA LYS B 116 -40.08 11.53 -8.17
C LYS B 116 -40.58 12.61 -7.18
N ASN B 117 -39.77 12.96 -6.18
CA ASN B 117 -40.27 13.91 -5.16
C ASN B 117 -40.36 15.30 -5.72
N LEU B 118 -39.50 15.65 -6.67
CA LEU B 118 -39.60 16.97 -7.32
C LEU B 118 -40.84 17.03 -8.17
N TYR B 119 -41.12 15.95 -8.89
CA TYR B 119 -42.37 15.91 -9.67
C TYR B 119 -43.60 16.06 -8.79
N GLU B 120 -43.68 15.28 -7.72
CA GLU B 120 -44.87 15.32 -6.87
C GLU B 120 -45.01 16.69 -6.22
N LYS B 121 -43.89 17.33 -5.90
CA LYS B 121 -43.91 18.67 -5.31
C LYS B 121 -44.53 19.68 -6.25
N VAL B 122 -44.15 19.63 -7.52
CA VAL B 122 -44.77 20.53 -8.47
C VAL B 122 -46.24 20.19 -8.62
N LYS B 123 -46.54 18.90 -8.81
CA LYS B 123 -47.94 18.46 -8.93
C LYS B 123 -48.80 19.01 -7.79
N SER B 124 -48.30 18.95 -6.56
CA SER B 124 -49.15 19.37 -5.46
C SER B 124 -49.27 20.90 -5.39
N GLN B 125 -48.30 21.66 -5.94
CA GLN B 125 -48.51 23.11 -6.03
C GLN B 125 -49.55 23.48 -7.09
N LEU B 126 -49.49 22.85 -8.28
CA LEU B 126 -50.36 23.30 -9.36
C LEU B 126 -51.82 22.88 -9.17
N LYS B 127 -52.05 21.71 -8.55
CA LYS B 127 -53.42 21.21 -8.33
C LYS B 127 -54.12 21.18 -9.69
N ASN B 128 -55.36 21.66 -9.80
CA ASN B 128 -56.05 21.59 -11.07
C ASN B 128 -55.89 22.87 -11.91
N ASN B 129 -54.91 23.72 -11.60
CA ASN B 129 -54.55 24.81 -12.50
C ASN B 129 -53.72 24.35 -13.69
N ALA B 130 -53.39 23.06 -13.75
CA ALA B 130 -52.64 22.51 -14.87
C ALA B 130 -53.08 21.09 -15.06
N LYS B 131 -52.80 20.53 -16.22
CA LYS B 131 -53.10 19.13 -16.43
C LYS B 131 -51.84 18.32 -16.69
N GLU B 132 -51.86 17.09 -16.21
CA GLU B 132 -50.74 16.18 -16.35
C GLU B 132 -50.80 15.64 -17.76
N ILE B 133 -49.74 15.86 -18.55
CA ILE B 133 -49.82 15.50 -19.96
C ILE B 133 -48.86 14.40 -20.31
N GLY B 134 -48.29 13.74 -19.32
CA GLY B 134 -47.41 12.71 -19.83
C GLY B 134 -45.94 13.08 -19.73
N ASN B 135 -45.15 12.08 -19.38
CA ASN B 135 -43.71 12.19 -19.52
C ASN B 135 -43.15 13.25 -18.57
N GLY B 136 -43.76 13.42 -17.39
CA GLY B 136 -43.25 14.42 -16.43
C GLY B 136 -43.65 15.87 -16.71
N CYS B 137 -44.58 16.09 -17.64
CA CYS B 137 -44.93 17.46 -18.09
C CYS B 137 -46.32 17.85 -17.60
N PHE B 138 -46.48 19.16 -17.30
CA PHE B 138 -47.76 19.77 -16.92
C PHE B 138 -48.08 20.82 -17.96
N GLU B 139 -49.36 20.94 -18.33
CA GLU B 139 -49.78 22.01 -19.21
C GLU B 139 -50.73 22.91 -18.44
N PHE B 140 -50.37 24.19 -18.34
CA PHE B 140 -51.12 25.14 -17.53
C PHE B 140 -52.46 25.43 -18.19
N TYR B 141 -53.45 25.63 -17.34
CA TYR B 141 -54.73 26.18 -17.79
C TYR B 141 -54.76 27.68 -17.75
N HIS B 142 -53.62 28.31 -17.47
CA HIS B 142 -53.52 29.77 -17.47
C HIS B 142 -52.18 30.16 -18.11
N LYS B 143 -52.03 31.42 -18.50
CA LYS B 143 -50.72 31.91 -18.92
C LYS B 143 -49.76 31.94 -17.73
N CYS B 144 -48.56 31.41 -17.95
CA CYS B 144 -47.56 31.29 -16.87
C CYS B 144 -46.25 31.85 -17.42
N ASP B 145 -46.04 33.15 -17.21
CA ASP B 145 -44.86 33.81 -17.71
C ASP B 145 -43.65 33.44 -16.85
N ASN B 146 -42.50 34.08 -17.08
CA ASN B 146 -41.28 33.61 -16.39
C ASN B 146 -41.35 33.85 -14.89
N GLU B 147 -42.06 34.89 -14.43
CA GLU B 147 -42.20 35.06 -12.98
C GLU B 147 -43.02 33.92 -12.39
N CYS B 148 -44.13 33.56 -13.06
CA CYS B 148 -44.94 32.40 -12.64
C CYS B 148 -44.10 31.11 -12.65
N MET B 149 -43.36 30.89 -13.73
CA MET B 149 -42.50 29.70 -13.84
C MET B 149 -41.50 29.64 -12.70
N GLU B 150 -40.83 30.76 -12.41
CA GLU B 150 -39.84 30.75 -11.33
C GLU B 150 -40.49 30.41 -9.99
N SER B 151 -41.74 30.87 -9.75
CA SER B 151 -42.44 30.54 -8.52
C SER B 151 -42.74 29.05 -8.44
N VAL B 152 -42.96 28.37 -9.58
CA VAL B 152 -43.10 26.92 -9.52
C VAL B 152 -41.75 26.32 -9.15
N ARG B 153 -40.69 26.84 -9.77
CA ARG B 153 -39.35 26.26 -9.59
C ARG B 153 -38.86 26.46 -8.18
N ASN B 154 -39.25 27.55 -7.49
CA ASN B 154 -38.70 27.74 -6.15
C ASN B 154 -39.73 27.43 -5.06
N GLY B 155 -40.81 26.72 -5.42
CA GLY B 155 -41.82 26.23 -4.49
C GLY B 155 -42.74 27.27 -3.84
N THR B 156 -43.02 28.41 -4.50
CA THR B 156 -43.92 29.45 -3.97
C THR B 156 -45.08 29.75 -4.92
N TYR B 157 -45.44 28.79 -5.79
CA TYR B 157 -46.52 29.02 -6.75
C TYR B 157 -47.80 29.38 -6.01
N ASP B 158 -48.54 30.34 -6.55
CA ASP B 158 -49.74 30.93 -5.91
C ASP B 158 -50.99 30.43 -6.66
N TYR B 159 -51.53 29.30 -6.19
CA TYR B 159 -52.68 28.68 -6.85
C TYR B 159 -53.88 29.63 -6.87
N PRO B 160 -54.27 30.28 -5.78
CA PRO B 160 -55.45 31.17 -5.85
C PRO B 160 -55.31 32.27 -6.88
N LYS B 161 -54.08 32.76 -7.08
CA LYS B 161 -53.83 33.85 -8.02
C LYS B 161 -54.32 33.51 -9.43
N TYR B 162 -54.11 32.29 -9.88
CA TYR B 162 -54.45 31.91 -11.25
C TYR B 162 -55.69 31.03 -11.33
N SER B 163 -56.39 30.81 -10.22
CA SER B 163 -57.35 29.73 -10.25
C SER B 163 -58.61 30.10 -11.04
N GLU B 164 -59.01 31.38 -11.02
CA GLU B 164 -60.20 31.79 -11.79
C GLU B 164 -59.96 31.62 -13.28
N GLU B 165 -58.83 32.12 -13.78
CA GLU B 165 -58.51 32.00 -15.20
C GLU B 165 -58.34 30.53 -15.61
N SER B 166 -57.65 29.72 -14.78
CA SER B 166 -57.62 28.27 -15.02
C SER B 166 -59.02 27.67 -15.09
N LYS B 167 -59.87 27.97 -14.10
CA LYS B 167 -61.24 27.42 -14.08
C LYS B 167 -61.98 27.69 -15.39
N LEU B 168 -61.89 28.93 -15.88
CA LEU B 168 -62.57 29.27 -17.12
C LEU B 168 -62.06 28.42 -18.26
N ASN B 169 -60.77 28.12 -18.27
CA ASN B 169 -60.19 27.46 -19.44
C ASN B 169 -60.45 25.96 -19.44
N ARG B 170 -60.45 25.30 -18.29
CA ARG B 170 -60.57 23.82 -18.38
C ARG B 170 -62.06 23.45 -18.47
N CYS C 1 -23.20 30.41 -1.28
CA CYS C 1 -22.07 29.48 -1.34
C CYS C 1 -22.26 28.35 -0.33
N ILE C 2 -21.50 27.28 -0.51
CA ILE C 2 -21.65 26.05 0.24
C ILE C 2 -20.27 25.66 0.74
N GLU C 3 -20.20 25.17 1.99
CA GLU C 3 -18.99 24.58 2.54
C GLU C 3 -19.16 23.09 2.76
N GLN C 4 -18.12 22.32 2.37
CA GLN C 4 -18.06 20.91 2.71
C GLN C 4 -16.72 20.60 3.34
N SER C 5 -16.71 19.60 4.20
CA SER C 5 -15.46 19.15 4.80
C SER C 5 -15.36 17.64 4.62
N PHE C 6 -14.13 17.14 4.33
CA PHE C 6 -13.95 15.72 4.00
C PHE C 6 -12.76 15.21 4.77
N THR C 7 -12.89 13.99 5.28
CA THR C 7 -11.78 13.39 5.98
C THR C 7 -10.86 12.66 5.01
N THR C 8 -11.30 12.46 3.75
CA THR C 8 -10.46 11.79 2.78
C THR C 8 -10.21 12.73 1.61
N LEU C 9 -8.97 12.69 1.14
CA LEU C 9 -8.64 13.44 -0.07
C LEU C 9 -9.47 12.96 -1.26
N PHE C 10 -9.58 11.64 -1.42
CA PHE C 10 -10.35 11.10 -2.53
C PHE C 10 -11.76 11.70 -2.61
N ALA C 11 -12.49 11.70 -1.50
CA ALA C 11 -13.89 12.21 -1.56
C ALA C 11 -13.90 13.70 -1.88
N CYS C 12 -12.94 14.44 -1.33
CA CYS C 12 -12.77 15.85 -1.66
C CYS C 12 -12.61 16.04 -3.16
N GLN C 13 -11.66 15.31 -3.77
CA GLN C 13 -11.43 15.44 -5.21
C GLN C 13 -12.70 15.07 -5.97
N THR C 14 -13.39 13.99 -5.55
CA THR C 14 -14.61 13.51 -6.21
C THR C 14 -15.70 14.59 -6.19
N ALA C 15 -15.91 15.18 -5.01
CA ALA C 15 -16.92 16.24 -4.85
C ALA C 15 -16.56 17.45 -5.71
N ALA C 16 -15.29 17.84 -5.69
CA ALA C 16 -14.91 19.03 -6.49
C ALA C 16 -15.24 18.83 -7.97
N GLU C 17 -14.98 17.64 -8.51
CA GLU C 17 -15.19 17.44 -9.95
C GLU C 17 -16.69 17.42 -10.29
N ILE C 18 -17.54 16.92 -9.39
CA ILE C 18 -18.96 16.95 -9.68
C ILE C 18 -19.46 18.39 -9.71
N TRP C 19 -19.15 19.16 -8.67
CA TRP C 19 -19.58 20.55 -8.66
C TRP C 19 -19.09 21.24 -9.92
N ARG C 20 -17.81 21.05 -10.25
CA ARG C 20 -17.27 21.75 -11.39
C ARG C 20 -17.93 21.28 -12.70
N ALA C 21 -18.34 20.01 -12.76
CA ALA C 21 -19.02 19.53 -13.98
C ALA C 21 -20.32 20.28 -14.22
N PHE C 22 -21.00 20.74 -13.17
CA PHE C 22 -22.23 21.53 -13.28
C PHE C 22 -21.99 23.03 -13.34
N GLY C 23 -20.73 23.45 -13.42
CA GLY C 23 -20.41 24.87 -13.61
C GLY C 23 -20.21 25.66 -12.33
N TYR C 24 -20.22 25.00 -11.17
CA TYR C 24 -19.94 25.70 -9.92
C TYR C 24 -18.44 26.00 -9.84
N THR C 25 -18.08 27.04 -9.07
CA THR C 25 -16.68 27.31 -8.74
C THR C 25 -16.34 26.60 -7.43
N VAL C 26 -15.15 25.98 -7.37
CA VAL C 26 -14.74 25.22 -6.20
C VAL C 26 -13.36 25.66 -5.81
N LYS C 27 -13.21 26.14 -4.57
CA LYS C 27 -11.89 26.35 -3.96
C LYS C 27 -11.69 25.24 -2.92
N ILE C 28 -10.53 24.57 -3.00
CA ILE C 28 -10.16 23.48 -2.11
C ILE C 28 -9.17 23.98 -1.08
N MET C 29 -9.39 23.61 0.18
CA MET C 29 -8.46 23.92 1.26
C MET C 29 -8.11 22.62 1.97
N VAL C 30 -6.83 22.31 2.01
CA VAL C 30 -6.35 21.11 2.68
C VAL C 30 -5.85 21.56 4.05
N ASP C 31 -6.48 21.06 5.11
CA ASP C 31 -6.21 21.52 6.48
C ASP C 31 -6.76 20.54 7.52
N GLY C 33 -5.83 17.32 8.74
CA GLY C 33 -6.38 16.11 8.15
C GLY C 33 -7.56 16.31 7.21
N ASN C 34 -8.31 17.40 7.39
CA ASN C 34 -9.50 17.62 6.60
C ASN C 34 -9.16 18.22 5.24
N CYS C 35 -10.00 17.93 4.27
CA CYS C 35 -9.97 18.64 3.00
C CYS C 35 -11.32 19.36 2.90
N ARG C 36 -11.30 20.68 2.68
CA ARG C 36 -12.52 21.49 2.72
C ARG C 36 -12.78 22.10 1.34
N LEU C 37 -14.06 22.10 0.94
CA LEU C 37 -14.51 22.74 -0.29
C LEU C 37 -15.35 23.98 0.03
N HIS C 38 -15.05 25.10 -0.67
CA HIS C 38 -15.87 26.32 -0.66
C HIS C 38 -16.51 26.40 -2.05
N VAL C 39 -17.80 26.15 -2.14
CA VAL C 39 -18.47 25.94 -3.42
C VAL C 39 -19.38 27.13 -3.72
N CYS C 40 -19.23 27.72 -4.90
CA CYS C 40 -20.04 28.91 -5.23
C CYS C 40 -20.59 28.92 -6.64
C1 NAG D . 1.28 12.46 -7.75
C2 NAG D . 2.48 13.34 -8.00
C3 NAG D . 2.06 14.82 -8.08
C4 NAG D . 0.95 15.01 -9.11
C5 NAG D . -0.19 14.04 -8.83
C6 NAG D . -1.23 14.06 -9.93
C7 NAG D . 4.59 12.41 -7.09
C8 NAG D . 5.49 12.35 -5.90
N2 NAG D . 3.48 13.16 -6.95
O3 NAG D . 3.20 15.61 -8.42
O4 NAG D . 0.45 16.34 -9.00
O5 NAG D . 0.31 12.70 -8.76
O6 NAG D . -2.32 13.19 -9.62
O7 NAG D . 4.83 11.79 -8.13
C1 NAG D . 0.67 17.10 -10.21
C2 NAG D . -0.32 18.29 -10.23
C3 NAG D . -0.03 19.23 -11.42
C4 NAG D . 1.46 19.57 -11.51
C5 NAG D . 2.27 18.28 -11.52
C6 NAG D . 3.76 18.50 -11.60
C7 NAG D . -2.46 17.65 -9.20
C8 NAG D . -3.84 17.15 -9.46
N2 NAG D . -1.69 17.82 -10.29
O3 NAG D . -0.77 20.44 -11.27
O4 NAG D . 1.71 20.34 -12.68
O5 NAG D . 2.01 17.56 -10.30
O6 NAG D . 4.37 17.55 -12.47
O7 NAG D . -2.05 17.89 -8.07
C1 NAG E . -39.67 32.53 -5.73
C2 NAG E . -39.21 33.52 -4.66
C3 NAG E . -40.22 34.66 -4.51
C4 NAG E . -40.62 35.24 -5.86
C5 NAG E . -40.93 34.16 -6.90
C6 NAG E . -41.10 34.71 -8.30
C7 NAG E . -37.94 32.21 -3.01
C8 NAG E . -37.98 31.53 -1.67
N2 NAG E . -39.06 32.83 -3.38
O3 NAG E . -39.62 35.69 -3.72
O4 NAG E . -41.83 35.96 -5.67
O5 NAG E . -39.85 33.23 -6.97
O6 NAG E . -39.92 35.38 -8.71
O7 NAG E . -36.93 32.21 -3.73
C1 NAG E . -41.71 37.33 -5.99
C2 NAG E . -43.16 37.81 -6.14
C3 NAG E . -43.20 39.33 -6.33
C4 NAG E . -42.37 40.03 -5.26
C5 NAG E . -40.98 39.41 -5.13
C6 NAG E . -40.21 39.97 -3.96
C7 NAG E . -44.62 36.07 -7.13
C8 NAG E . -45.18 35.50 -8.40
N2 NAG E . -43.81 37.13 -7.26
O3 NAG E . -44.56 39.73 -6.18
O4 NAG E . -42.17 41.40 -5.57
O5 NAG E . -41.10 38.00 -4.94
O6 NAG E . -39.17 40.81 -4.42
O7 NAG E . -44.88 35.57 -6.01
C1 BMA E . -43.02 42.14 -4.69
C2 BMA E . -42.45 43.57 -4.49
C3 BMA E . -43.54 44.41 -3.75
C4 BMA E . -44.99 44.22 -4.34
C5 BMA E . -45.30 42.71 -4.35
C6 BMA E . -46.75 42.20 -4.69
O2 BMA E . -42.09 44.18 -5.77
O3 BMA E . -43.15 45.78 -3.57
O4 BMA E . -45.92 44.85 -3.53
O5 BMA E . -44.34 42.14 -5.23
O6 BMA E . -47.36 42.94 -5.71
C1 NAG F . -18.47 15.23 -23.85
C2 NAG F . -17.49 15.81 -24.90
C3 NAG F . -16.44 16.72 -24.23
C4 NAG F . -17.09 17.77 -23.33
C5 NAG F . -17.96 17.05 -22.31
C6 NAG F . -18.67 17.99 -21.36
C7 NAG F . -17.43 14.17 -26.72
C8 NAG F . -16.65 13.07 -27.37
N2 NAG F . -16.85 14.74 -25.65
O3 NAG F . -15.66 17.37 -25.23
O4 NAG F . -16.12 18.56 -22.65
O5 NAG F . -18.98 16.30 -23.01
O6 NAG F . -19.68 18.73 -22.02
O7 NAG F . -18.53 14.53 -27.14
C7 PGF G . 31.13 -4.52 -7.97
C8 PGF G . 29.64 -4.57 -7.53
O5 PGF G . 29.13 -5.87 -7.26
C9 PGF G . 28.46 -6.14 -6.01
C10 PGF G . 27.22 -5.28 -5.87
O6 PGF G . 26.54 -5.26 -4.64
C11 PGF G . 25.53 -4.21 -4.54
C12 PGF G . 26.10 -2.80 -4.37
O7 PGF G . 25.11 -1.76 -4.42
C13 PGF G . 25.61 -0.42 -4.44
C14 PGF G . 26.12 -0.11 -5.86
O8 PGF G . 27.07 0.92 -6.02
C15 PGF G . 28.14 0.62 -6.87
C1 PEG H . -39.24 14.94 -21.49
O1 PEG H . -38.39 14.67 -20.35
C2 PEG H . -39.84 16.35 -21.74
O2 PEG H . -39.07 17.13 -22.64
C3 PEG H . -38.89 18.47 -22.27
C4 PEG H . -38.38 19.32 -23.43
O4 PEG H . -37.59 18.63 -24.34
C1 PEG I . -32.44 15.10 -1.32
O1 PEG I . -31.15 15.21 -0.79
C2 PEG I . -32.57 16.11 -2.48
O2 PEG I . -33.86 16.70 -2.41
C3 PEG I . -33.98 17.62 -1.37
C4 PEG I . -34.66 18.91 -1.80
O4 PEG I . -34.55 19.78 -0.70
C1 PEG J . -26.60 28.27 -1.17
O1 PEG J . -26.28 29.63 -1.09
C2 PEG J . -26.08 27.68 -2.49
O2 PEG J . -24.73 28.00 -2.59
C3 PEG J . -24.07 27.55 -3.76
C4 PEG J . -24.32 28.46 -4.95
O4 PEG J . -23.44 29.55 -4.87
#